data_5V6P
#
_entry.id   5V6P
#
_cell.length_a   1.0
_cell.length_b   1.0
_cell.length_c   1.0
_cell.angle_alpha   90.00
_cell.angle_beta   90.00
_cell.angle_gamma   90.00
#
_symmetry.space_group_name_H-M   'P 1'
#
_entity_poly.entity_id   1
_entity_poly.type   'polypeptide(L)'
_entity_poly.pdbx_seq_one_letter_code
;MVPENRRKQLAIFVVVTYLLTFYCVYSATKTSVSFLQVTLKLNEGFNLMVLSIFILLNSTLLWQLLTKLLFGELRLIEHE
HIFERLPFTIINTLFMSSLFHERYFFTVAFFGLLLLYLKVFHWILKDRLEALLQSINDSTTMKTLIFSRFSFNLVLLAVV
DYQIITRCISSIYTNQKSDIESTSLYLIQVMEFTMLLIDLLNLFLQTCLNFWEFYRSQQSLSNENNHIVHGDPTDENTVE
SDQSQPVLNDDDDDDDDDRQFTGLEGKFMYEKAIDVFTRFLKTALHLSMLIPFRMPMMLLKDVVWDILALYQSGTSLWKI
WRNNKQLDDTLVTVTVEQLQNSANDDNICIICMDELIHSPNQQTWKNKNKKPKRLPCGHILHLSCLKNWMERSQTCPICR
LPVFDEK
;
_entity_poly.pdbx_strand_id   A,B
#
# COMPACT_ATOMS: atom_id res chain seq x y z
N LEU A 10 7.43 9.81 -11.98
CA LEU A 10 6.01 9.52 -11.98
C LEU A 10 5.20 10.65 -12.60
N ALA A 11 5.58 11.89 -12.32
CA ALA A 11 4.76 13.02 -12.80
C ALA A 11 4.48 12.94 -14.29
N ILE A 12 5.48 12.54 -15.04
CA ILE A 12 5.37 12.48 -16.48
C ILE A 12 4.59 11.26 -16.91
N PHE A 13 4.64 10.18 -16.14
CA PHE A 13 3.82 9.00 -16.43
C PHE A 13 2.37 9.45 -16.52
N VAL A 14 1.99 10.33 -15.60
CA VAL A 14 0.63 10.82 -15.56
C VAL A 14 0.37 11.74 -16.75
N VAL A 15 1.33 12.60 -17.11
CA VAL A 15 1.18 13.48 -18.28
C VAL A 15 0.95 12.67 -19.53
N VAL A 16 1.73 11.62 -19.70
CA VAL A 16 1.56 10.77 -20.85
C VAL A 16 0.23 10.08 -20.84
N THR A 17 -0.19 9.59 -19.67
CA THR A 17 -1.48 8.95 -19.59
C THR A 17 -2.53 9.95 -20.07
N TYR A 18 -2.45 11.21 -19.64
CA TYR A 18 -3.39 12.19 -20.14
C TYR A 18 -3.37 12.25 -21.64
N LEU A 19 -2.19 12.37 -22.24
CA LEU A 19 -2.12 12.54 -23.68
C LEU A 19 -2.74 11.35 -24.41
N LEU A 20 -2.48 10.14 -23.93
CA LEU A 20 -3.11 8.97 -24.52
C LEU A 20 -4.61 9.08 -24.38
N THR A 21 -5.06 9.39 -23.17
CA THR A 21 -6.48 9.43 -22.83
C THR A 21 -7.18 10.43 -23.73
N PHE A 22 -6.56 11.59 -23.92
CA PHE A 22 -7.12 12.60 -24.79
C PHE A 22 -7.31 12.02 -26.16
N TYR A 23 -6.25 11.42 -26.71
CA TYR A 23 -6.35 10.90 -28.06
C TYR A 23 -7.45 9.87 -28.12
N CYS A 24 -7.47 8.95 -27.18
CA CYS A 24 -8.47 7.90 -27.20
C CYS A 24 -9.88 8.47 -27.43
N VAL A 25 -10.19 9.53 -26.70
CA VAL A 25 -11.46 10.23 -26.83
C VAL A 25 -11.56 10.93 -28.16
N TYR A 26 -10.52 11.69 -28.51
CA TYR A 26 -10.47 12.51 -29.69
C TYR A 26 -10.72 11.71 -30.93
N SER A 27 -10.10 10.57 -30.99
CA SER A 27 -10.21 9.68 -32.11
C SER A 27 -11.65 9.19 -32.23
N ALA A 28 -12.23 8.72 -31.13
CA ALA A 28 -13.59 8.27 -31.19
C ALA A 28 -14.51 9.41 -31.64
N THR A 29 -14.18 10.62 -31.21
CA THR A 29 -14.94 11.81 -31.52
C THR A 29 -14.84 12.14 -33.03
N LYS A 30 -13.61 12.19 -33.55
CA LYS A 30 -13.29 12.55 -34.92
C LYS A 30 -13.94 11.61 -35.90
N THR A 31 -14.01 10.36 -35.50
CA THR A 31 -14.56 9.29 -36.30
C THR A 31 -16.04 9.03 -36.05
N SER A 32 -16.77 9.99 -35.47
CA SER A 32 -18.20 9.85 -35.23
C SER A 32 -18.96 11.09 -35.60
N VAL A 33 -20.29 11.01 -35.55
CA VAL A 33 -21.14 12.17 -35.76
C VAL A 33 -21.81 12.57 -34.45
N SER A 34 -22.41 11.60 -33.77
CA SER A 34 -23.10 11.87 -32.51
C SER A 34 -22.29 11.55 -31.29
N PHE A 35 -22.42 12.40 -30.27
CA PHE A 35 -21.72 12.22 -29.00
C PHE A 35 -22.06 10.88 -28.34
N LEU A 36 -23.21 10.32 -28.68
CA LEU A 36 -23.63 9.05 -28.13
C LEU A 36 -22.85 7.89 -28.74
N GLN A 37 -22.48 8.04 -30.02
CA GLN A 37 -21.71 7.01 -30.69
C GLN A 37 -20.36 6.97 -30.05
N VAL A 38 -19.89 8.15 -29.70
CA VAL A 38 -18.59 8.31 -29.08
C VAL A 38 -18.70 7.71 -27.70
N THR A 39 -19.74 8.09 -26.96
CA THR A 39 -19.92 7.60 -25.61
C THR A 39 -19.76 6.09 -25.54
N LEU A 40 -20.44 5.38 -26.44
CA LEU A 40 -20.32 3.95 -26.45
C LEU A 40 -18.95 3.47 -26.86
N LYS A 41 -18.38 3.98 -27.94
CA LYS A 41 -17.10 3.41 -28.37
C LYS A 41 -16.10 3.42 -27.23
N LEU A 42 -16.13 4.51 -26.48
CA LEU A 42 -15.23 4.69 -25.37
C LEU A 42 -15.56 3.73 -24.26
N ASN A 43 -16.85 3.59 -23.93
CA ASN A 43 -17.31 2.70 -22.85
C ASN A 43 -17.35 1.23 -23.26
N GLU A 44 -17.11 0.98 -24.53
CA GLU A 44 -17.14 -0.34 -25.09
C GLU A 44 -15.82 -1.08 -24.93
N GLY A 45 -14.70 -0.45 -25.33
CA GLY A 45 -13.42 -1.15 -25.33
C GLY A 45 -12.26 -0.49 -24.57
N PHE A 46 -11.06 -0.66 -25.16
CA PHE A 46 -9.77 -0.22 -24.61
C PHE A 46 -9.78 1.19 -24.05
N ASN A 47 -10.43 2.08 -24.77
CA ASN A 47 -10.44 3.47 -24.39
C ASN A 47 -11.06 3.69 -23.00
N LEU A 48 -12.01 2.84 -22.61
CA LEU A 48 -12.59 2.91 -21.28
C LEU A 48 -11.54 2.60 -20.26
N MET A 49 -10.77 1.55 -20.52
CA MET A 49 -9.76 1.22 -19.54
C MET A 49 -8.75 2.36 -19.41
N VAL A 50 -8.44 3.02 -20.52
CA VAL A 50 -7.48 4.11 -20.48
C VAL A 50 -8.01 5.23 -19.60
N LEU A 51 -9.29 5.55 -19.77
CA LEU A 51 -9.91 6.58 -18.97
C LEU A 51 -9.88 6.22 -17.50
N SER A 52 -10.17 4.96 -17.17
CA SER A 52 -10.15 4.47 -15.81
C SER A 52 -8.77 4.64 -15.18
N ILE A 53 -7.71 4.30 -15.92
CA ILE A 53 -6.36 4.44 -15.40
C ILE A 53 -6.10 5.90 -15.07
N PHE A 54 -6.48 6.78 -15.99
CA PHE A 54 -6.24 8.20 -15.84
C PHE A 54 -6.97 8.76 -14.62
N ILE A 55 -8.21 8.34 -14.41
CA ILE A 55 -8.97 8.77 -13.25
C ILE A 55 -8.28 8.36 -11.95
N LEU A 56 -7.82 7.11 -11.88
CA LEU A 56 -7.15 6.65 -10.67
C LEU A 56 -5.89 7.45 -10.39
N LEU A 57 -5.13 7.78 -11.43
CA LEU A 57 -3.92 8.59 -11.24
C LEU A 57 -4.28 9.98 -10.72
N ASN A 58 -5.34 10.56 -11.28
CA ASN A 58 -5.76 11.89 -10.86
C ASN A 58 -6.22 11.90 -9.43
N SER A 59 -6.96 10.86 -9.02
CA SER A 59 -7.44 10.76 -7.67
C SER A 59 -6.24 10.70 -6.74
N THR A 60 -5.25 9.89 -7.10
CA THR A 60 -4.08 9.72 -6.28
C THR A 60 -3.36 11.05 -6.07
N LEU A 61 -3.19 11.81 -7.14
CA LEU A 61 -2.52 13.10 -7.05
C LEU A 61 -3.29 14.05 -6.16
N LEU A 62 -4.61 14.02 -6.25
CA LEU A 62 -5.42 14.82 -5.36
C LEU A 62 -5.18 14.41 -3.92
N TRP A 63 -5.19 13.13 -3.60
CA TRP A 63 -5.00 12.74 -2.21
C TRP A 63 -3.67 13.25 -1.66
N GLN A 64 -2.66 13.27 -2.51
CA GLN A 64 -1.38 13.81 -2.10
C GLN A 64 -1.51 15.31 -1.82
N LEU A 65 -2.24 16.03 -2.66
CA LEU A 65 -2.49 17.44 -2.40
C LEU A 65 -3.27 17.64 -1.11
N LEU A 66 -4.25 16.80 -0.90
CA LEU A 66 -5.12 16.94 0.26
C LEU A 66 -4.31 16.78 1.53
N THR A 67 -3.27 15.95 1.48
CA THR A 67 -2.36 15.87 2.59
C THR A 67 -1.66 17.22 2.71
N LYS A 68 -1.12 17.75 1.62
CA LYS A 68 -0.35 19.00 1.70
C LYS A 68 -1.16 20.15 2.31
N LEU A 69 -2.44 20.20 2.00
CA LEU A 69 -3.35 21.25 2.45
C LEU A 69 -3.89 21.05 3.86
N LEU A 70 -3.63 19.89 4.45
CA LEU A 70 -4.18 19.47 5.73
C LEU A 70 -3.10 19.16 6.78
N PHE A 71 -2.13 18.31 6.40
CA PHE A 71 -1.04 17.88 7.27
C PHE A 71 0.34 18.38 6.77
N GLY A 72 0.37 18.85 5.52
CA GLY A 72 1.58 19.41 4.96
C GLY A 72 2.62 18.38 4.59
N GLU A 73 3.58 18.24 5.48
CA GLU A 73 4.79 17.45 5.27
C GLU A 73 4.78 16.12 6.01
N LEU A 74 3.97 16.05 7.08
CA LEU A 74 3.91 14.91 7.98
C LEU A 74 5.22 14.77 8.78
N ARG A 75 5.10 14.62 10.08
CA ARG A 75 6.24 14.47 10.99
C ARG A 75 6.80 13.06 10.95
N LEU A 76 8.07 12.86 11.27
CA LEU A 76 8.63 11.50 11.20
C LEU A 76 7.73 10.47 11.87
N ILE A 77 7.26 10.78 13.05
CA ILE A 77 6.48 9.86 13.86
C ILE A 77 5.20 9.42 13.15
N GLU A 78 4.63 10.31 12.35
CA GLU A 78 3.46 10.00 11.61
C GLU A 78 3.88 9.05 10.50
N HIS A 79 4.99 9.37 9.82
CA HIS A 79 5.44 8.52 8.72
C HIS A 79 5.65 7.09 9.19
N GLU A 80 6.19 6.96 10.40
CA GLU A 80 6.48 5.67 10.96
C GLU A 80 5.21 4.90 11.30
N HIS A 81 4.24 5.57 11.93
CA HIS A 81 3.03 4.89 12.30
C HIS A 81 2.27 4.43 11.08
N ILE A 82 2.29 5.25 10.04
CA ILE A 82 1.58 4.95 8.81
C ILE A 82 2.26 3.75 8.17
N PHE A 83 3.57 3.82 8.00
CA PHE A 83 4.31 2.75 7.38
C PHE A 83 4.01 1.39 8.01
N GLU A 84 4.00 1.33 9.33
CA GLU A 84 3.75 0.11 10.08
C GLU A 84 2.33 -0.42 9.97
N ARG A 85 1.34 0.46 10.00
CA ARG A 85 -0.06 0.07 9.91
C ARG A 85 -0.53 -0.33 8.52
N LEU A 86 0.12 0.20 7.48
CA LEU A 86 -0.30 -0.06 6.12
C LEU A 86 -0.38 -1.51 5.64
N PRO A 87 0.69 -2.33 5.65
CA PRO A 87 0.61 -3.64 5.02
C PRO A 87 -0.50 -4.51 5.59
N PHE A 88 -0.82 -4.35 6.87
CA PHE A 88 -1.88 -5.11 7.49
C PHE A 88 -3.23 -4.56 7.13
N THR A 89 -3.33 -3.22 7.05
CA THR A 89 -4.55 -2.57 6.62
C THR A 89 -4.89 -3.08 5.23
N ILE A 90 -3.85 -3.18 4.41
CA ILE A 90 -3.97 -3.60 3.04
C ILE A 90 -4.42 -5.04 2.94
N ILE A 91 -3.84 -5.96 3.73
CA ILE A 91 -4.30 -7.34 3.66
C ILE A 91 -5.76 -7.40 3.94
N ASN A 92 -6.18 -6.80 5.05
CA ASN A 92 -7.53 -6.98 5.51
C ASN A 92 -8.55 -6.36 4.58
N THR A 93 -8.19 -5.22 3.98
CA THR A 93 -9.07 -4.59 3.03
C THR A 93 -9.21 -5.54 1.84
N LEU A 94 -8.09 -6.10 1.38
CA LEU A 94 -8.06 -6.94 0.20
C LEU A 94 -8.89 -8.20 0.39
N PHE A 95 -8.89 -8.73 1.59
CA PHE A 95 -9.69 -9.90 1.92
C PHE A 95 -11.19 -9.59 1.70
N MET A 96 -11.66 -8.51 2.32
CA MET A 96 -13.08 -8.19 2.22
C MET A 96 -13.45 -7.73 0.82
N SER A 97 -12.47 -7.16 0.12
CA SER A 97 -12.64 -6.70 -1.23
C SER A 97 -12.77 -7.90 -2.17
N SER A 98 -11.89 -8.90 -2.01
CA SER A 98 -11.82 -10.06 -2.89
C SER A 98 -13.17 -10.69 -3.10
N LEU A 99 -13.93 -10.78 -2.02
CA LEU A 99 -15.26 -11.35 -2.05
C LEU A 99 -16.14 -10.87 -3.23
N PHE A 100 -16.04 -9.59 -3.62
CA PHE A 100 -16.91 -9.08 -4.67
C PHE A 100 -16.21 -8.75 -5.98
N HIS A 101 -14.94 -9.15 -6.13
CA HIS A 101 -14.19 -8.77 -7.34
C HIS A 101 -14.91 -9.23 -8.59
N GLU A 102 -15.51 -10.40 -8.50
CA GLU A 102 -16.23 -11.01 -9.60
C GLU A 102 -17.22 -10.06 -10.28
N ARG A 103 -17.90 -9.22 -9.50
CA ARG A 103 -18.92 -8.35 -10.07
C ARG A 103 -18.50 -6.89 -10.16
N TYR A 104 -17.61 -6.48 -9.25
CA TYR A 104 -17.29 -5.06 -9.11
C TYR A 104 -15.82 -4.66 -9.02
N PHE A 105 -14.88 -5.54 -9.32
CA PHE A 105 -13.46 -5.26 -9.07
C PHE A 105 -13.00 -3.80 -9.08
N PHE A 106 -13.33 -3.02 -10.12
CA PHE A 106 -12.80 -1.66 -10.18
C PHE A 106 -13.47 -0.70 -9.21
N THR A 107 -14.74 -0.95 -8.90
CA THR A 107 -15.48 -0.15 -7.96
C THR A 107 -14.96 -0.48 -6.58
N VAL A 108 -14.65 -1.75 -6.42
CA VAL A 108 -14.15 -2.23 -5.16
C VAL A 108 -12.76 -1.64 -4.95
N ALA A 109 -11.90 -1.69 -5.97
CA ALA A 109 -10.56 -1.13 -5.89
C ALA A 109 -10.60 0.34 -5.51
N PHE A 110 -11.57 1.06 -6.07
CA PHE A 110 -11.78 2.46 -5.73
C PHE A 110 -12.07 2.63 -4.26
N PHE A 111 -13.02 1.86 -3.74
CA PHE A 111 -13.38 2.02 -2.35
C PHE A 111 -12.22 1.60 -1.47
N GLY A 112 -11.45 0.63 -1.93
CA GLY A 112 -10.28 0.19 -1.21
C GLY A 112 -9.34 1.37 -0.99
N LEU A 113 -9.04 2.10 -2.07
CA LEU A 113 -8.19 3.27 -1.99
C LEU A 113 -8.78 4.35 -1.10
N LEU A 114 -10.09 4.59 -1.22
CA LEU A 114 -10.72 5.61 -0.41
C LEU A 114 -10.59 5.31 1.08
N LEU A 115 -10.85 4.06 1.46
CA LEU A 115 -10.72 3.65 2.85
C LEU A 115 -9.31 3.81 3.36
N LEU A 116 -8.33 3.47 2.53
CA LEU A 116 -6.96 3.67 2.92
C LEU A 116 -6.68 5.14 3.12
N TYR A 117 -7.03 5.99 2.17
CA TYR A 117 -6.61 7.37 2.29
C TYR A 117 -7.16 8.00 3.54
N LEU A 118 -8.37 7.63 3.88
CA LEU A 118 -8.96 8.17 5.07
C LEU A 118 -8.31 7.57 6.30
N LYS A 119 -8.04 6.27 6.32
CA LYS A 119 -7.39 5.70 7.50
C LYS A 119 -6.09 6.41 7.76
N VAL A 120 -5.39 6.75 6.70
CA VAL A 120 -4.14 7.43 6.85
C VAL A 120 -4.40 8.80 7.48
N PHE A 121 -5.37 9.55 6.97
CA PHE A 121 -5.68 10.87 7.51
C PHE A 121 -6.10 10.81 8.97
N HIS A 122 -6.83 9.77 9.34
CA HIS A 122 -7.29 9.58 10.71
C HIS A 122 -6.12 9.23 11.64
N TRP A 123 -5.19 8.38 11.19
CA TRP A 123 -4.04 8.03 12.01
C TRP A 123 -3.21 9.29 12.28
N ILE A 124 -3.08 10.12 11.26
CA ILE A 124 -2.30 11.34 11.36
C ILE A 124 -2.99 12.28 12.32
N LEU A 125 -4.29 12.43 12.17
CA LEU A 125 -5.03 13.30 13.04
C LEU A 125 -4.74 12.96 14.50
N LYS A 126 -4.79 11.67 14.87
CA LYS A 126 -4.54 11.31 16.26
C LYS A 126 -3.23 11.92 16.74
N ASP A 127 -2.18 11.78 15.94
CA ASP A 127 -0.88 12.32 16.32
C ASP A 127 -0.89 13.86 16.37
N ARG A 128 -1.72 14.49 15.57
CA ARG A 128 -1.82 15.95 15.64
C ARG A 128 -2.48 16.37 16.96
N LEU A 129 -3.34 15.52 17.53
CA LEU A 129 -3.94 15.85 18.82
C LEU A 129 -2.88 15.90 19.88
N GLU A 130 -1.99 14.92 19.83
CA GLU A 130 -0.91 14.86 20.81
C GLU A 130 -0.04 16.10 20.70
N ALA A 131 0.24 16.56 19.48
CA ALA A 131 1.04 17.75 19.32
C ALA A 131 0.38 18.99 19.93
N LEU A 132 -0.92 19.15 19.68
CA LEU A 132 -1.65 20.30 20.21
C LEU A 132 -1.80 20.23 21.72
N LEU A 133 -1.84 19.02 22.25
CA LEU A 133 -1.88 18.86 23.69
C LEU A 133 -0.54 19.29 24.28
N GLN A 134 0.57 18.88 23.68
CA GLN A 134 1.89 19.21 24.18
C GLN A 134 2.18 20.72 24.20
N SER A 135 1.64 21.45 23.22
CA SER A 135 1.85 22.89 23.09
C SER A 135 1.09 23.72 24.14
N ILE A 136 0.22 23.08 24.93
CA ILE A 136 -0.59 23.76 25.93
C ILE A 136 0.19 24.75 26.80
N ASN A 137 1.40 24.38 27.19
CA ASN A 137 2.22 25.16 28.10
C ASN A 137 2.78 26.43 27.47
N ASP A 138 2.93 26.44 26.15
CA ASP A 138 3.47 27.63 25.51
C ASP A 138 2.33 28.58 25.21
N SER A 139 1.18 28.02 24.87
CA SER A 139 -0.01 28.80 24.55
C SER A 139 -0.62 29.39 25.80
N THR A 140 -0.58 28.61 26.88
CA THR A 140 -1.25 28.94 28.12
C THR A 140 -2.65 29.36 27.73
N THR A 141 -3.02 30.59 28.07
CA THR A 141 -4.35 31.13 27.81
C THR A 141 -4.83 30.86 26.39
N MET A 142 -3.94 30.99 25.41
CA MET A 142 -4.32 30.93 24.01
C MET A 142 -4.92 29.63 23.54
N LYS A 143 -4.80 28.54 24.32
CA LYS A 143 -5.36 27.27 23.88
C LYS A 143 -6.82 27.45 23.62
N THR A 144 -7.44 28.35 24.39
CA THR A 144 -8.83 28.73 24.25
C THR A 144 -9.25 28.78 22.78
N LEU A 145 -8.40 29.36 21.92
CA LEU A 145 -8.71 29.48 20.52
C LEU A 145 -7.87 28.53 19.66
N ILE A 146 -6.63 28.28 20.08
CA ILE A 146 -5.67 27.53 19.26
C ILE A 146 -6.16 26.12 19.01
N PHE A 147 -6.81 25.53 20.00
CA PHE A 147 -7.29 24.15 19.93
C PHE A 147 -8.15 23.91 18.68
N SER A 148 -8.72 24.99 18.10
CA SER A 148 -9.57 24.90 16.95
C SER A 148 -8.80 24.37 15.75
N ARG A 149 -7.47 24.38 15.84
CA ARG A 149 -6.66 23.81 14.80
C ARG A 149 -6.89 22.31 14.70
N PHE A 150 -7.25 21.65 15.80
CA PHE A 150 -7.57 20.23 15.73
C PHE A 150 -8.90 20.11 15.05
N SER A 151 -9.79 21.04 15.39
CA SER A 151 -11.14 21.05 14.82
C SER A 151 -11.04 21.24 13.31
N PHE A 152 -10.11 22.07 12.84
CA PHE A 152 -9.92 22.29 11.40
C PHE A 152 -9.03 21.22 10.76
N ASN A 153 -9.30 19.98 11.15
CA ASN A 153 -8.69 18.76 10.70
C ASN A 153 -9.74 17.68 10.95
N LEU A 154 -10.13 17.56 12.23
CA LEU A 154 -11.12 16.59 12.65
C LEU A 154 -12.48 16.84 12.05
N VAL A 155 -12.96 18.07 12.11
CA VAL A 155 -14.28 18.37 11.63
C VAL A 155 -14.34 18.13 10.16
N LEU A 156 -13.27 18.48 9.48
CA LEU A 156 -13.25 18.34 8.05
C LEU A 156 -13.37 16.87 7.69
N LEU A 157 -12.64 16.00 8.40
CA LEU A 157 -12.77 14.57 8.15
C LEU A 157 -14.15 14.08 8.57
N ALA A 158 -14.71 14.67 9.63
CA ALA A 158 -16.02 14.26 10.11
C ALA A 158 -17.07 14.50 9.06
N VAL A 159 -16.99 15.65 8.39
CA VAL A 159 -17.93 15.94 7.34
C VAL A 159 -17.83 14.94 6.22
N VAL A 160 -16.60 14.59 5.84
CA VAL A 160 -16.42 13.64 4.77
C VAL A 160 -16.92 12.25 5.15
N ASP A 161 -16.60 11.78 6.37
CA ASP A 161 -17.05 10.46 6.79
C ASP A 161 -18.56 10.40 6.82
N TYR A 162 -19.19 11.44 7.37
CA TYR A 162 -20.63 11.43 7.44
C TYR A 162 -21.24 11.42 6.05
N GLN A 163 -20.72 12.23 5.13
CA GLN A 163 -21.27 12.27 3.80
C GLN A 163 -21.16 10.93 3.11
N ILE A 164 -20.05 10.23 3.28
CA ILE A 164 -19.92 8.93 2.64
C ILE A 164 -20.98 8.00 3.17
N ILE A 165 -21.17 7.97 4.49
CA ILE A 165 -22.15 7.07 5.06
C ILE A 165 -23.55 7.38 4.59
N THR A 166 -23.88 8.66 4.53
CA THR A 166 -25.20 9.10 4.13
C THR A 166 -25.49 8.65 2.70
N ARG A 167 -24.51 8.83 1.82
CA ARG A 167 -24.61 8.48 0.42
C ARG A 167 -24.67 6.98 0.22
N CYS A 168 -23.86 6.22 0.97
CA CYS A 168 -23.84 4.78 0.86
C CYS A 168 -25.23 4.27 1.16
N ILE A 169 -25.80 4.73 2.29
CA ILE A 169 -27.09 4.24 2.72
C ILE A 169 -28.17 4.52 1.72
N SER A 170 -28.21 5.73 1.16
CA SER A 170 -29.23 6.05 0.20
C SER A 170 -29.16 5.06 -0.96
N SER A 171 -27.95 4.82 -1.47
CA SER A 171 -27.79 3.93 -2.60
C SER A 171 -28.26 2.51 -2.27
N ILE A 172 -27.88 2.03 -1.08
CA ILE A 172 -28.26 0.70 -0.67
C ILE A 172 -29.75 0.56 -0.59
N TYR A 173 -30.41 1.52 0.07
CA TYR A 173 -31.84 1.41 0.22
C TYR A 173 -32.48 1.42 -1.16
N THR A 174 -32.07 2.39 -1.99
CA THR A 174 -32.69 2.59 -3.29
C THR A 174 -32.74 1.31 -4.10
N ASN A 175 -31.65 0.55 -4.13
CA ASN A 175 -31.59 -0.67 -4.90
C ASN A 175 -31.50 -1.94 -4.04
N GLN A 176 -31.89 -1.87 -2.77
CA GLN A 176 -31.72 -3.00 -1.84
C GLN A 176 -32.31 -4.32 -2.32
N LYS A 177 -33.42 -4.28 -3.04
CA LYS A 177 -34.07 -5.50 -3.50
C LYS A 177 -33.47 -6.07 -4.79
N SER A 178 -32.65 -5.27 -5.48
CA SER A 178 -32.04 -5.67 -6.74
C SER A 178 -30.62 -6.15 -6.49
N ASP A 179 -29.92 -5.47 -5.59
CA ASP A 179 -28.55 -5.79 -5.22
C ASP A 179 -28.54 -6.89 -4.16
N ILE A 180 -29.03 -8.06 -4.54
CA ILE A 180 -29.24 -9.11 -3.56
C ILE A 180 -27.94 -9.59 -2.90
N GLU A 181 -26.81 -9.48 -3.61
CA GLU A 181 -25.50 -9.78 -3.04
C GLU A 181 -24.69 -8.49 -2.83
N SER A 182 -24.97 -7.51 -3.67
CA SER A 182 -24.15 -6.31 -3.74
C SER A 182 -24.47 -5.41 -2.56
N THR A 183 -25.62 -5.63 -1.94
CA THR A 183 -25.91 -4.96 -0.69
C THR A 183 -24.80 -5.24 0.29
N SER A 184 -24.30 -6.47 0.33
CA SER A 184 -23.25 -6.78 1.28
C SER A 184 -22.03 -5.96 0.91
N LEU A 185 -21.71 -5.88 -0.37
CA LEU A 185 -20.56 -5.05 -0.74
C LEU A 185 -20.65 -3.65 -0.15
N TYR A 186 -21.79 -3.02 -0.36
CA TYR A 186 -21.95 -1.64 0.04
C TYR A 186 -22.22 -1.48 1.54
N LEU A 187 -22.83 -2.46 2.13
CA LEU A 187 -23.14 -2.45 3.55
C LEU A 187 -21.86 -2.70 4.37
N ILE A 188 -20.95 -3.50 3.83
CA ILE A 188 -19.64 -3.66 4.42
C ILE A 188 -18.94 -2.31 4.36
N GLN A 189 -19.02 -1.64 3.20
CA GLN A 189 -18.44 -0.31 3.12
C GLN A 189 -19.04 0.62 4.16
N VAL A 190 -20.35 0.55 4.41
CA VAL A 190 -20.90 1.40 5.46
C VAL A 190 -20.20 1.08 6.76
N MET A 191 -20.08 -0.20 7.12
CA MET A 191 -19.42 -0.58 8.36
C MET A 191 -18.01 -0.04 8.47
N GLU A 192 -17.23 -0.20 7.41
CA GLU A 192 -15.85 0.24 7.45
C GLU A 192 -15.73 1.75 7.57
N PHE A 193 -16.58 2.48 6.85
CA PHE A 193 -16.56 3.92 6.94
C PHE A 193 -17.16 4.37 8.30
N THR A 194 -18.08 3.59 8.84
CA THR A 194 -18.66 3.91 10.14
C THR A 194 -17.57 3.79 11.17
N MET A 195 -16.77 2.72 11.09
CA MET A 195 -15.67 2.51 12.00
C MET A 195 -14.77 3.72 12.04
N LEU A 196 -14.47 4.30 10.87
CA LEU A 196 -13.70 5.54 10.82
C LEU A 196 -14.42 6.68 11.55
N LEU A 197 -15.73 6.83 11.31
CA LEU A 197 -16.50 7.89 11.96
C LEU A 197 -16.49 7.72 13.49
N ILE A 198 -16.50 6.47 13.95
CA ILE A 198 -16.43 6.13 15.38
C ILE A 198 -15.07 6.48 15.96
N ASP A 199 -14.00 6.14 15.27
CA ASP A 199 -12.67 6.48 15.75
C ASP A 199 -12.49 7.98 15.81
N LEU A 200 -13.10 8.67 14.86
CA LEU A 200 -12.98 10.10 14.83
C LEU A 200 -13.76 10.64 16.03
N LEU A 201 -14.95 10.08 16.31
CA LEU A 201 -15.72 10.48 17.49
C LEU A 201 -14.89 10.32 18.75
N ASN A 202 -14.14 9.23 18.86
CA ASN A 202 -13.26 9.09 19.99
C ASN A 202 -12.31 10.27 20.07
N LEU A 203 -11.63 10.59 18.98
CA LEU A 203 -10.66 11.70 19.04
C LEU A 203 -11.35 13.00 19.41
N PHE A 204 -12.57 13.18 18.94
CA PHE A 204 -13.33 14.35 19.32
C PHE A 204 -13.48 14.35 20.82
N LEU A 205 -13.98 13.26 21.38
CA LEU A 205 -14.27 13.24 22.79
C LEU A 205 -13.02 13.41 23.62
N GLN A 206 -11.92 12.85 23.16
CA GLN A 206 -10.67 12.96 23.89
C GLN A 206 -10.21 14.41 23.86
N THR A 207 -10.42 15.09 22.73
CA THR A 207 -10.04 16.47 22.55
C THR A 207 -10.83 17.33 23.48
N CYS A 208 -12.10 17.00 23.60
CA CYS A 208 -13.00 17.72 24.45
C CYS A 208 -12.53 17.60 25.89
N LEU A 209 -12.17 16.40 26.32
CA LEU A 209 -11.67 16.20 27.67
C LEU A 209 -10.33 16.89 27.92
N ASN A 210 -9.51 16.96 26.87
CA ASN A 210 -8.24 17.66 26.96
C ASN A 210 -8.46 19.17 27.10
N PHE A 211 -9.43 19.70 26.35
CA PHE A 211 -9.77 21.11 26.42
C PHE A 211 -10.40 21.40 27.78
N TRP A 212 -11.18 20.45 28.29
CA TRP A 212 -11.80 20.52 29.61
C TRP A 212 -10.74 20.67 30.69
N GLU A 213 -9.68 19.85 30.64
CA GLU A 213 -8.60 20.01 31.60
C GLU A 213 -7.96 21.38 31.50
N PHE A 214 -7.73 21.85 30.27
CA PHE A 214 -7.17 23.16 30.08
C PHE A 214 -8.03 24.18 30.75
N TYR A 215 -9.33 24.13 30.48
CA TYR A 215 -10.24 25.07 31.03
C TYR A 215 -10.13 25.10 32.52
N ARG A 216 -10.15 23.96 33.18
CA ARG A 216 -10.14 23.99 34.63
C ARG A 216 -8.86 24.67 35.15
N SER A 217 -7.74 24.44 34.49
CA SER A 217 -6.51 25.11 34.88
C SER A 217 -6.64 26.62 34.67
N GLN A 218 -7.17 27.03 33.52
CA GLN A 218 -7.37 28.43 33.18
C GLN A 218 -8.36 29.12 34.12
N GLN A 219 -9.36 28.37 34.55
CA GLN A 219 -10.40 28.78 35.47
C GLN A 219 -9.83 29.09 36.84
N SER A 220 -8.97 28.20 37.34
CA SER A 220 -8.28 28.38 38.62
C SER A 220 -8.27 29.83 39.09
N GLY A 266 -8.56 13.43 38.34
CA GLY A 266 -9.40 12.24 38.16
C GLY A 266 -9.55 11.98 36.68
N LYS A 267 -8.99 12.89 35.89
CA LYS A 267 -9.08 12.90 34.44
C LYS A 267 -8.81 11.52 33.86
N PHE A 268 -7.82 10.84 34.40
CA PHE A 268 -7.45 9.53 33.88
C PHE A 268 -8.65 8.61 33.72
N MET A 269 -9.56 8.64 34.68
CA MET A 269 -10.70 7.75 34.62
C MET A 269 -11.72 8.25 33.61
N TYR A 270 -11.75 9.56 33.42
CA TYR A 270 -12.65 10.13 32.41
C TYR A 270 -12.17 9.64 31.04
N GLU A 271 -10.83 9.62 30.86
CA GLU A 271 -10.23 9.19 29.61
C GLU A 271 -10.59 7.75 29.34
N LYS A 272 -10.56 6.92 30.38
CA LYS A 272 -10.91 5.54 30.20
C LYS A 272 -12.39 5.40 29.86
N ALA A 273 -13.26 6.16 30.51
CA ALA A 273 -14.67 6.05 30.19
C ALA A 273 -14.92 6.31 28.70
N ILE A 274 -14.23 7.28 28.12
CA ILE A 274 -14.39 7.54 26.70
C ILE A 274 -13.93 6.35 25.88
N ASP A 275 -12.73 5.84 26.18
CA ASP A 275 -12.14 4.76 25.43
C ASP A 275 -12.93 3.45 25.55
N VAL A 276 -13.54 3.24 26.71
CA VAL A 276 -14.36 2.07 26.96
C VAL A 276 -15.67 2.17 26.18
N PHE A 277 -16.29 3.34 26.20
CA PHE A 277 -17.51 3.52 25.42
C PHE A 277 -17.21 3.28 23.96
N THR A 278 -16.15 3.91 23.46
CA THR A 278 -15.79 3.80 22.08
C THR A 278 -15.69 2.33 21.66
N ARG A 279 -14.99 1.52 22.45
CA ARG A 279 -14.87 0.10 22.15
C ARG A 279 -16.26 -0.53 22.10
N PHE A 280 -17.13 -0.22 23.06
CA PHE A 280 -18.47 -0.79 23.03
C PHE A 280 -19.21 -0.46 21.77
N LEU A 281 -19.18 0.82 21.39
CA LEU A 281 -19.94 1.26 20.24
C LEU A 281 -19.47 0.55 18.98
N LYS A 282 -18.15 0.45 18.82
CA LYS A 282 -17.59 -0.22 17.67
C LYS A 282 -17.95 -1.71 17.69
N THR A 283 -17.92 -2.33 18.87
CA THR A 283 -18.24 -3.73 19.00
C THR A 283 -19.67 -3.97 18.56
N ALA A 284 -20.59 -3.10 19.00
CA ALA A 284 -21.99 -3.23 18.66
C ALA A 284 -22.20 -3.17 17.16
N LEU A 285 -21.48 -2.27 16.48
CA LEU A 285 -21.53 -2.18 15.03
C LEU A 285 -21.16 -3.47 14.35
N HIS A 286 -20.00 -4.01 14.72
CA HIS A 286 -19.51 -5.18 14.00
C HIS A 286 -20.35 -6.41 14.31
N LEU A 287 -20.92 -6.46 15.49
CA LEU A 287 -21.77 -7.56 15.87
C LEU A 287 -23.08 -7.55 15.06
N SER A 288 -23.70 -6.37 14.91
CA SER A 288 -24.95 -6.22 14.14
C SER A 288 -24.72 -6.50 12.65
N MET A 289 -23.51 -6.25 12.19
CA MET A 289 -23.11 -6.57 10.82
C MET A 289 -23.15 -8.06 10.49
N LEU A 290 -23.18 -8.96 11.49
CA LEU A 290 -23.23 -10.39 11.20
C LEU A 290 -24.63 -10.89 10.87
N ILE A 291 -25.64 -10.03 10.95
CA ILE A 291 -27.02 -10.41 10.66
C ILE A 291 -27.30 -10.89 9.21
N PRO A 292 -26.84 -10.20 8.13
CA PRO A 292 -27.04 -10.57 6.75
C PRO A 292 -26.41 -11.91 6.41
N PHE A 293 -26.98 -12.61 5.43
CA PHE A 293 -26.52 -13.92 4.99
C PHE A 293 -25.11 -13.97 4.36
N ARG A 294 -24.64 -12.88 3.77
CA ARG A 294 -23.44 -12.95 2.98
C ARG A 294 -22.14 -12.86 3.78
N MET A 295 -21.46 -14.00 3.84
CA MET A 295 -20.17 -14.18 4.48
C MET A 295 -20.00 -13.57 5.87
N PRO A 296 -20.82 -13.93 6.86
CA PRO A 296 -20.70 -13.48 8.24
C PRO A 296 -19.35 -13.91 8.80
N MET A 297 -18.82 -15.02 8.28
CA MET A 297 -17.53 -15.53 8.68
C MET A 297 -16.38 -14.61 8.29
N MET A 298 -16.54 -13.82 7.22
CA MET A 298 -15.45 -12.93 6.84
C MET A 298 -15.51 -11.70 7.72
N LEU A 299 -16.73 -11.23 8.02
CA LEU A 299 -16.93 -10.08 8.90
C LEU A 299 -16.42 -10.36 10.29
N LEU A 300 -16.57 -11.63 10.67
CA LEU A 300 -16.18 -12.14 11.96
C LEU A 300 -14.75 -11.78 12.30
N LYS A 301 -13.83 -11.66 11.33
CA LYS A 301 -12.47 -11.33 11.76
C LYS A 301 -12.43 -10.02 12.55
N ASP A 302 -13.31 -9.06 12.21
CA ASP A 302 -13.28 -7.78 12.87
C ASP A 302 -14.09 -7.81 14.13
N VAL A 303 -15.09 -8.66 14.13
CA VAL A 303 -15.91 -8.84 15.32
C VAL A 303 -15.01 -9.37 16.41
N VAL A 304 -14.16 -10.31 16.03
CA VAL A 304 -13.23 -10.93 16.93
C VAL A 304 -12.19 -9.94 17.41
N TRP A 305 -11.69 -9.09 16.52
CA TRP A 305 -10.78 -8.07 16.99
C TRP A 305 -11.49 -7.21 18.04
N ASP A 306 -12.74 -6.81 17.77
CA ASP A 306 -13.45 -5.98 18.74
C ASP A 306 -13.59 -6.72 20.06
N ILE A 307 -13.81 -8.03 20.03
CA ILE A 307 -13.83 -8.77 21.27
C ILE A 307 -12.50 -8.62 21.98
N LEU A 308 -11.38 -8.71 21.27
CA LEU A 308 -10.12 -8.48 21.97
C LEU A 308 -10.17 -7.11 22.65
N ALA A 309 -10.65 -6.10 21.94
CA ALA A 309 -10.77 -4.77 22.52
C ALA A 309 -11.68 -4.83 23.76
N LEU A 310 -12.72 -5.64 23.70
CA LEU A 310 -13.67 -5.77 24.79
C LEU A 310 -12.95 -6.26 26.05
N TYR A 311 -11.90 -7.08 25.87
CA TYR A 311 -11.07 -7.50 26.98
C TYR A 311 -10.37 -6.27 27.57
N GLN A 312 -9.82 -5.42 26.71
CA GLN A 312 -9.15 -4.20 27.14
C GLN A 312 -10.15 -3.31 27.89
N SER A 313 -11.40 -3.31 27.43
CA SER A 313 -12.45 -2.57 28.13
C SER A 313 -12.64 -3.18 29.50
N GLY A 314 -12.68 -4.50 29.58
CA GLY A 314 -12.82 -5.22 30.84
C GLY A 314 -11.79 -4.75 31.87
N THR A 315 -10.53 -4.61 31.43
CA THR A 315 -9.48 -4.12 32.31
C THR A 315 -9.77 -2.70 32.82
N SER A 316 -10.15 -1.81 31.91
CA SER A 316 -10.47 -0.43 32.28
C SER A 316 -11.69 -0.39 33.20
N LEU A 317 -12.65 -1.26 32.92
CA LEU A 317 -13.86 -1.36 33.70
C LEU A 317 -13.55 -1.80 35.10
N TRP A 318 -12.65 -2.78 35.26
CA TRP A 318 -12.26 -3.19 36.59
C TRP A 318 -11.78 -2.00 37.40
N LYS A 319 -10.94 -1.15 36.80
CA LYS A 319 -10.48 0.02 37.53
C LYS A 319 -11.66 0.90 37.95
N ILE A 320 -12.60 1.10 37.04
CA ILE A 320 -13.78 1.90 37.34
C ILE A 320 -14.60 1.30 38.46
N TRP A 321 -14.88 0.01 38.38
CA TRP A 321 -15.73 -0.66 39.33
C TRP A 321 -15.13 -0.62 40.72
N ARG A 322 -13.81 -0.80 40.79
CA ARG A 322 -13.04 -0.77 42.01
C ARG A 322 -13.10 0.60 42.67
N ASN A 323 -12.92 1.65 41.86
CA ASN A 323 -12.99 3.02 42.38
C ASN A 323 -14.36 3.27 42.97
N ASN A 324 -15.38 2.68 42.35
CA ASN A 324 -16.79 2.69 42.74
C ASN A 324 -17.52 3.87 42.13
N LEU B 10 -2.32 -4.76 16.33
CA LEU B 10 -2.16 -5.72 15.25
C LEU B 10 -1.52 -7.01 15.74
N ALA B 11 -0.54 -6.90 16.63
CA ALA B 11 0.19 -8.12 17.03
C ALA B 11 -0.72 -9.23 17.49
N ILE B 12 -1.76 -8.85 18.22
CA ILE B 12 -2.67 -9.81 18.78
C ILE B 12 -3.63 -10.31 17.73
N PHE B 13 -3.95 -9.49 16.73
CA PHE B 13 -4.78 -9.95 15.61
C PHE B 13 -4.14 -11.19 15.02
N VAL B 14 -2.81 -11.14 14.90
CA VAL B 14 -2.07 -12.24 14.33
C VAL B 14 -2.09 -13.44 15.28
N VAL B 15 -1.93 -13.20 16.59
CA VAL B 15 -1.98 -14.28 17.58
C VAL B 15 -3.31 -14.99 17.51
N VAL B 16 -4.39 -14.25 17.44
CA VAL B 16 -5.69 -14.85 17.34
C VAL B 16 -5.85 -15.63 16.06
N THR B 17 -5.36 -15.07 14.94
CA THR B 17 -5.44 -15.78 13.69
C THR B 17 -4.75 -17.12 13.88
N TYR B 18 -3.57 -17.15 14.51
CA TYR B 18 -2.92 -18.43 14.76
C TYR B 18 -3.83 -19.36 15.50
N LEU B 19 -4.43 -18.90 16.59
CA LEU B 19 -5.23 -19.79 17.41
C LEU B 19 -6.39 -20.37 16.63
N LEU B 20 -7.05 -19.55 15.81
CA LEU B 20 -8.11 -20.04 14.96
C LEU B 20 -7.55 -21.09 14.01
N THR B 21 -6.45 -20.75 13.36
CA THR B 21 -5.84 -21.59 12.34
C THR B 21 -5.49 -22.94 12.93
N PHE B 22 -4.93 -22.93 14.14
CA PHE B 22 -4.60 -24.16 14.81
C PHE B 22 -5.82 -24.98 14.97
N TYR B 23 -6.89 -24.39 15.51
CA TYR B 23 -8.09 -25.17 15.75
C TYR B 23 -8.59 -25.71 14.44
N CYS B 24 -8.67 -24.88 13.43
CA CYS B 24 -9.19 -25.33 12.15
C CYS B 24 -8.56 -26.67 11.72
N VAL B 25 -7.23 -26.74 11.84
CA VAL B 25 -6.48 -27.94 11.53
C VAL B 25 -6.78 -29.04 12.54
N TYR B 26 -6.72 -28.71 13.82
CA TYR B 26 -6.88 -29.64 14.91
C TYR B 26 -8.19 -30.37 14.82
N SER B 27 -9.21 -29.63 14.53
CA SER B 27 -10.54 -30.16 14.42
C SER B 27 -10.60 -31.16 13.27
N ALA B 28 -10.10 -30.75 12.10
CA ALA B 28 -10.11 -31.68 10.98
C ALA B 28 -9.33 -32.94 11.33
N THR B 29 -8.26 -32.76 12.08
CA THR B 29 -7.40 -33.85 12.50
C THR B 29 -8.12 -34.80 13.46
N LYS B 30 -8.73 -34.24 14.50
CA LYS B 30 -9.41 -34.97 15.57
C LYS B 30 -10.56 -35.79 15.03
N THR B 31 -11.20 -35.24 14.01
CA THR B 31 -12.34 -35.84 13.37
C THR B 31 -12.00 -36.69 12.16
N SER B 32 -10.73 -37.13 12.03
CA SER B 32 -10.32 -37.99 10.93
C SER B 32 -9.44 -39.13 11.40
N VAL B 33 -9.13 -40.04 10.48
CA VAL B 33 -8.20 -41.12 10.77
C VAL B 33 -6.89 -40.90 9.99
N SER B 34 -7.02 -40.65 8.69
CA SER B 34 -5.84 -40.45 7.84
C SER B 34 -5.52 -39.00 7.59
N PHE B 35 -4.24 -38.70 7.56
CA PHE B 35 -3.74 -37.35 7.30
C PHE B 35 -4.21 -36.81 5.96
N LEU B 36 -4.54 -37.71 5.03
CA LEU B 36 -5.01 -37.31 3.73
C LEU B 36 -6.44 -36.81 3.77
N GLN B 37 -7.23 -37.37 4.69
CA GLN B 37 -8.61 -36.94 4.85
C GLN B 37 -8.59 -35.54 5.38
N VAL B 38 -7.62 -35.31 6.25
CA VAL B 38 -7.46 -34.03 6.88
C VAL B 38 -6.99 -33.07 5.80
N THR B 39 -5.98 -33.48 5.04
CA THR B 39 -5.44 -32.62 3.99
C THR B 39 -6.54 -32.06 3.12
N LEU B 40 -7.45 -32.90 2.69
CA LEU B 40 -8.54 -32.44 1.86
C LEU B 40 -9.49 -31.55 2.62
N LYS B 41 -9.95 -31.95 3.79
CA LYS B 41 -10.98 -31.12 4.44
C LYS B 41 -10.51 -29.68 4.56
N LEU B 42 -9.22 -29.55 4.86
CA LEU B 42 -8.64 -28.25 5.04
C LEU B 42 -8.54 -27.53 3.71
N ASN B 43 -8.11 -28.22 2.66
CA ASN B 43 -7.95 -27.65 1.32
C ASN B 43 -9.28 -27.51 0.57
N GLU B 44 -10.32 -28.06 1.15
CA GLU B 44 -11.65 -28.07 0.57
C GLU B 44 -12.44 -26.79 0.86
N GLY B 45 -12.51 -26.41 2.14
CA GLY B 45 -13.35 -25.28 2.53
C GLY B 45 -12.69 -24.13 3.31
N PHE B 46 -13.48 -23.57 4.24
CA PHE B 46 -13.15 -22.41 5.07
C PHE B 46 -11.78 -22.46 5.68
N ASN B 47 -11.40 -23.64 6.15
CA ASN B 47 -10.15 -23.79 6.85
C ASN B 47 -8.95 -23.44 5.96
N LEU B 48 -9.08 -23.64 4.63
CA LEU B 48 -8.03 -23.26 3.70
C LEU B 48 -7.90 -21.78 3.70
N MET B 49 -9.02 -21.09 3.65
CA MET B 49 -8.90 -19.64 3.63
C MET B 49 -8.26 -19.14 4.91
N VAL B 50 -8.55 -19.79 6.03
CA VAL B 50 -7.98 -19.38 7.30
C VAL B 50 -6.47 -19.53 7.25
N LEU B 51 -6.01 -20.66 6.73
CA LEU B 51 -4.59 -20.89 6.61
C LEU B 51 -3.93 -19.86 5.73
N SER B 52 -4.58 -19.52 4.61
CA SER B 52 -4.08 -18.52 3.68
C SER B 52 -3.91 -17.16 4.37
N ILE B 53 -4.91 -16.75 5.17
CA ILE B 53 -4.81 -15.47 5.87
C ILE B 53 -3.61 -15.50 6.79
N PHE B 54 -3.45 -16.59 7.52
CA PHE B 54 -2.38 -16.72 8.48
C PHE B 54 -1.01 -16.65 7.82
N ILE B 55 -0.86 -17.30 6.68
CA ILE B 55 0.38 -17.24 5.93
C ILE B 55 0.72 -15.83 5.50
N LEU B 56 -0.27 -15.09 4.98
CA LEU B 56 -0.02 -13.73 4.55
C LEU B 56 0.41 -12.84 5.72
N LEU B 57 -0.20 -13.03 6.90
CA LEU B 57 0.21 -12.26 8.07
C LEU B 57 1.63 -12.59 8.47
N ASN B 58 1.99 -13.88 8.43
CA ASN B 58 3.33 -14.29 8.79
C ASN B 58 4.37 -13.73 7.85
N SER B 59 4.05 -13.74 6.54
CA SER B 59 4.96 -13.20 5.55
C SER B 59 5.19 -11.74 5.85
N THR B 60 4.12 -11.02 6.13
CA THR B 60 4.20 -9.60 6.39
C THR B 60 5.12 -9.31 7.57
N LEU B 61 4.96 -10.07 8.65
CA LEU B 61 5.79 -9.88 9.83
C LEU B 61 7.24 -10.15 9.53
N LEU B 62 7.50 -11.17 8.71
CA LEU B 62 8.86 -11.44 8.29
C LEU B 62 9.41 -10.25 7.52
N TRP B 63 8.67 -9.69 6.57
CA TRP B 63 9.22 -8.58 5.80
C TRP B 63 9.58 -7.41 6.71
N GLN B 64 8.80 -7.21 7.76
CA GLN B 64 9.13 -6.17 8.71
C GLN B 64 10.44 -6.50 9.42
N LEU B 65 10.63 -7.76 9.80
CA LEU B 65 11.88 -8.16 10.40
C LEU B 65 13.04 -8.00 9.45
N LEU B 66 12.82 -8.34 8.20
CA LEU B 66 13.88 -8.30 7.20
C LEU B 66 14.35 -6.87 7.03
N THR B 67 13.44 -5.91 7.20
CA THR B 67 13.85 -4.53 7.20
C THR B 67 14.73 -4.32 8.43
N LYS B 68 14.29 -4.76 9.61
CA LYS B 68 15.05 -4.49 10.83
C LYS B 68 16.49 -5.02 10.76
N LEU B 69 16.65 -6.16 10.12
CA LEU B 69 17.95 -6.84 10.00
C LEU B 69 18.83 -6.30 8.87
N LEU B 70 18.29 -5.41 8.05
CA LEU B 70 18.93 -4.91 6.85
C LEU B 70 19.08 -3.37 6.85
N PHE B 71 17.98 -2.67 7.10
CA PHE B 71 17.93 -1.21 7.12
C PHE B 71 17.62 -0.66 8.53
N GLY B 72 17.17 -1.54 9.42
CA GLY B 72 16.91 -1.16 10.80
C GLY B 72 15.65 -0.34 10.98
N GLU B 73 15.86 0.96 11.08
CA GLU B 73 14.84 1.92 11.45
C GLU B 73 14.34 2.75 10.28
N LEU B 74 15.17 2.85 9.24
CA LEU B 74 14.93 3.69 8.07
C LEU B 74 14.98 5.17 8.44
N ARG B 75 15.73 5.94 7.66
CA ARG B 75 15.90 7.38 7.88
C ARG B 75 14.69 8.15 7.38
N LEU B 76 14.42 9.35 7.90
CA LEU B 76 13.24 10.07 7.43
C LEU B 76 13.14 10.13 5.91
N ILE B 77 14.24 10.43 5.27
CA ILE B 77 14.28 10.63 3.83
C ILE B 77 13.84 9.37 3.08
N GLU B 78 14.14 8.22 3.65
CA GLU B 78 13.74 6.97 3.05
C GLU B 78 12.23 6.86 3.23
N HIS B 79 11.74 7.16 4.44
CA HIS B 79 10.31 7.04 4.71
C HIS B 79 9.52 7.88 3.74
N GLU B 80 10.04 9.07 3.44
CA GLU B 80 9.38 9.99 2.56
C GLU B 80 9.36 9.49 1.13
N HIS B 81 10.50 8.98 0.64
CA HIS B 81 10.55 8.52 -0.73
C HIS B 81 9.64 7.33 -0.92
N ILE B 82 9.58 6.47 0.08
CA ILE B 82 8.77 5.27 0.01
C ILE B 82 7.32 5.70 -0.02
N PHE B 83 6.92 6.52 0.94
CA PHE B 83 5.55 6.99 1.03
C PHE B 83 5.03 7.53 -0.31
N GLU B 84 5.83 8.37 -0.96
CA GLU B 84 5.47 9.00 -2.22
C GLU B 84 5.38 8.03 -3.40
N ARG B 85 6.30 7.07 -3.49
CA ARG B 85 6.33 6.11 -4.58
C ARG B 85 5.27 5.01 -4.48
N LEU B 86 4.84 4.69 -3.26
CA LEU B 86 3.90 3.61 -3.05
C LEU B 86 2.55 3.66 -3.78
N PRO B 87 1.68 4.67 -3.63
CA PRO B 87 0.35 4.58 -4.20
C PRO B 87 0.36 4.37 -5.71
N PHE B 88 1.37 4.89 -6.40
CA PHE B 88 1.47 4.72 -7.83
C PHE B 88 2.01 3.35 -8.17
N THR B 89 2.96 2.86 -7.37
CA THR B 89 3.47 1.52 -7.54
C THR B 89 2.31 0.54 -7.42
N ILE B 90 1.46 0.82 -6.45
CA ILE B 90 0.31 -0.01 -6.15
C ILE B 90 -0.68 0.00 -7.29
N ILE B 91 -1.00 1.18 -7.85
CA ILE B 91 -1.94 1.18 -8.98
C ILE B 91 -1.42 0.30 -10.07
N ASN B 92 -0.18 0.54 -10.47
CA ASN B 92 0.33 -0.12 -11.65
C ASN B 92 0.46 -1.63 -11.47
N THR B 93 0.82 -2.05 -10.26
CA THR B 93 0.90 -3.47 -9.99
C THR B 93 -0.50 -4.04 -10.12
N LEU B 94 -1.49 -3.36 -9.55
CA LEU B 94 -2.86 -3.84 -9.51
C LEU B 94 -3.44 -3.98 -10.90
N PHE B 95 -3.07 -3.08 -11.78
CA PHE B 95 -3.51 -3.13 -13.17
C PHE B 95 -3.03 -4.44 -13.83
N MET B 96 -1.73 -4.71 -13.73
CA MET B 96 -1.20 -5.90 -14.39
C MET B 96 -1.65 -7.17 -13.68
N SER B 97 -1.92 -7.05 -12.39
CA SER B 97 -2.40 -8.15 -11.58
C SER B 97 -3.84 -8.49 -11.97
N SER B 98 -4.69 -7.46 -12.13
CA SER B 98 -6.11 -7.64 -12.39
C SER B 98 -6.35 -8.58 -13.55
N LEU B 99 -5.54 -8.44 -14.57
CA LEU B 99 -5.64 -9.27 -15.76
C LEU B 99 -5.79 -10.78 -15.47
N PHE B 100 -5.14 -11.31 -14.42
CA PHE B 100 -5.20 -12.74 -14.18
C PHE B 100 -5.96 -13.14 -12.92
N HIS B 101 -6.68 -12.19 -12.30
CA HIS B 101 -7.35 -12.50 -11.03
C HIS B 101 -8.29 -13.68 -11.20
N GLU B 102 -8.95 -13.74 -12.35
CA GLU B 102 -9.90 -14.78 -12.66
C GLU B 102 -9.37 -16.19 -12.38
N ARG B 103 -8.09 -16.44 -12.65
CA ARG B 103 -7.56 -17.79 -12.49
C ARG B 103 -6.65 -17.92 -11.27
N TYR B 104 -6.00 -16.84 -10.88
CA TYR B 104 -4.96 -16.91 -9.86
C TYR B 104 -4.99 -15.89 -8.72
N PHE B 105 -6.07 -15.15 -8.53
CA PHE B 105 -6.08 -14.03 -7.57
C PHE B 105 -5.13 -14.11 -6.37
N PHE B 106 -5.14 -15.20 -5.63
CA PHE B 106 -4.32 -15.24 -4.41
C PHE B 106 -2.83 -15.39 -4.68
N THR B 107 -2.49 -16.05 -5.78
CA THR B 107 -1.11 -16.24 -6.19
C THR B 107 -0.63 -14.90 -6.69
N VAL B 108 -1.53 -14.23 -7.37
CA VAL B 108 -1.22 -12.94 -7.93
C VAL B 108 -1.01 -11.96 -6.79
N ALA B 109 -1.92 -11.96 -5.80
CA ALA B 109 -1.80 -11.07 -4.65
C ALA B 109 -0.48 -11.28 -3.94
N PHE B 110 -0.06 -12.54 -3.84
CA PHE B 110 1.23 -12.86 -3.26
C PHE B 110 2.37 -12.22 -4.00
N PHE B 111 2.37 -12.36 -5.33
CA PHE B 111 3.46 -11.80 -6.09
C PHE B 111 3.42 -10.30 -6.04
N GLY B 112 2.22 -9.75 -5.93
CA GLY B 112 2.04 -8.31 -5.81
C GLY B 112 2.80 -7.83 -4.59
N LEU B 113 2.58 -8.49 -3.44
CA LEU B 113 3.26 -8.14 -2.21
C LEU B 113 4.76 -8.32 -2.32
N LEU B 114 5.20 -9.41 -2.95
CA LEU B 114 6.63 -9.66 -3.08
C LEU B 114 7.32 -8.55 -3.87
N LEU B 115 6.70 -8.15 -4.99
CA LEU B 115 7.24 -7.08 -5.81
C LEU B 115 7.33 -5.78 -5.05
N LEU B 116 6.30 -5.48 -4.26
CA LEU B 116 6.34 -4.28 -3.45
C LEU B 116 7.47 -4.37 -2.46
N TYR B 117 7.57 -5.45 -1.71
CA TYR B 117 8.55 -5.45 -0.64
C TYR B 117 9.95 -5.26 -1.17
N LEU B 118 10.20 -5.82 -2.32
CA LEU B 118 11.50 -5.67 -2.91
C LEU B 118 11.67 -4.26 -3.43
N LYS B 119 10.66 -3.68 -4.09
CA LYS B 119 10.81 -2.32 -4.58
C LYS B 119 11.16 -1.40 -3.44
N VAL B 120 10.56 -1.65 -2.30
CA VAL B 120 10.84 -0.82 -1.15
C VAL B 120 12.30 -1.00 -0.75
N PHE B 121 12.78 -2.24 -0.67
CA PHE B 121 14.16 -2.52 -0.28
C PHE B 121 15.15 -1.88 -1.26
N HIS B 122 14.81 -1.89 -2.54
CA HIS B 122 15.65 -1.32 -3.58
C HIS B 122 15.68 0.21 -3.50
N TRP B 123 14.54 0.84 -3.23
CA TRP B 123 14.50 2.30 -3.09
C TRP B 123 15.37 2.72 -1.92
N ILE B 124 15.31 1.94 -0.84
CA ILE B 124 16.06 2.24 0.37
C ILE B 124 17.53 2.07 0.07
N LEU B 125 17.87 0.98 -0.59
CA LEU B 125 19.26 0.75 -0.92
C LEU B 125 19.85 1.96 -1.62
N LYS B 126 19.15 2.52 -2.62
CA LYS B 126 19.70 3.67 -3.33
C LYS B 126 20.12 4.75 -2.35
N ASP B 127 19.23 5.06 -1.41
CA ASP B 127 19.53 6.09 -0.42
C ASP B 127 20.70 5.70 0.51
N ARG B 128 20.87 4.41 0.75
CA ARG B 128 22.00 3.97 1.55
C ARG B 128 23.32 4.19 0.80
N LEU B 129 23.28 4.16 -0.54
CA LEU B 129 24.49 4.42 -1.31
C LEU B 129 24.91 5.85 -1.09
N GLU B 130 23.94 6.75 -1.13
CA GLU B 130 24.23 8.16 -0.92
C GLU B 130 24.85 8.39 0.44
N ALA B 131 24.34 7.70 1.45
CA ALA B 131 24.90 7.86 2.79
C ALA B 131 26.35 7.40 2.86
N LEU B 132 26.66 6.25 2.26
CA LEU B 132 28.03 5.73 2.27
C LEU B 132 28.96 6.58 1.44
N LEU B 133 28.42 7.22 0.41
CA LEU B 133 29.22 8.13 -0.38
C LEU B 133 29.57 9.36 0.45
N GLN B 134 28.59 9.90 1.18
CA GLN B 134 28.82 11.10 1.99
C GLN B 134 29.85 10.90 3.10
N SER B 135 29.91 9.70 3.65
CA SER B 135 30.83 9.37 4.75
C SER B 135 32.29 9.24 4.31
N ILE B 136 32.55 9.26 2.99
CA ILE B 136 33.90 9.10 2.45
C ILE B 136 34.96 9.94 3.15
N ASN B 137 34.62 11.18 3.51
CA ASN B 137 35.56 12.12 4.10
C ASN B 137 35.94 11.79 5.52
N ASP B 138 35.08 11.07 6.24
CA ASP B 138 35.40 10.74 7.62
C ASP B 138 36.20 9.45 7.63
N SER B 139 35.88 8.55 6.70
CA SER B 139 36.55 7.27 6.59
C SER B 139 37.93 7.44 5.99
N THR B 140 38.03 8.36 5.05
CA THR B 140 39.21 8.55 4.24
C THR B 140 39.65 7.15 3.81
N THR B 141 40.86 6.76 4.18
CA THR B 141 41.43 5.48 3.80
C THR B 141 40.47 4.32 3.98
N MET B 142 39.71 4.32 5.08
CA MET B 142 38.88 3.19 5.45
C MET B 142 37.79 2.82 4.47
N LYS B 143 37.46 3.70 3.51
CA LYS B 143 36.40 3.37 2.57
C LYS B 143 36.74 2.09 1.89
N THR B 144 38.05 1.85 1.70
CA THR B 144 38.59 0.66 1.12
C THR B 144 37.83 -0.58 1.57
N LEU B 145 37.48 -0.66 2.86
CA LEU B 145 36.76 -1.80 3.38
C LEU B 145 35.31 -1.45 3.72
N ILE B 146 35.06 -0.21 4.15
CA ILE B 146 33.75 0.19 4.67
C ILE B 146 32.70 0.07 3.60
N PHE B 147 33.05 0.38 2.36
CA PHE B 147 32.13 0.36 1.24
C PHE B 147 31.38 -0.98 1.12
N SER B 148 31.95 -2.05 1.69
CA SER B 148 31.39 -3.38 1.64
C SER B 148 30.04 -3.40 2.35
N ARG B 149 29.76 -2.39 3.15
CA ARG B 149 28.48 -2.27 3.79
C ARG B 149 27.37 -2.08 2.76
N PHE B 150 27.67 -1.48 1.61
CA PHE B 150 26.68 -1.36 0.55
C PHE B 150 26.51 -2.74 -0.04
N SER B 151 27.64 -3.42 -0.18
CA SER B 151 27.64 -4.77 -0.76
C SER B 151 26.79 -5.68 0.11
N PHE B 152 26.87 -5.54 1.44
CA PHE B 152 26.06 -6.36 2.36
C PHE B 152 24.66 -5.81 2.55
N ASN B 153 24.05 -5.42 1.43
CA ASN B 153 22.71 -4.91 1.26
C ASN B 153 22.36 -5.22 -0.19
N LEU B 154 23.18 -4.67 -1.10
CA LEU B 154 23.00 -4.87 -2.53
C LEU B 154 23.16 -6.30 -2.96
N VAL B 155 24.22 -6.97 -2.52
CA VAL B 155 24.46 -8.31 -2.94
C VAL B 155 23.39 -9.21 -2.46
N LEU B 156 22.94 -8.95 -1.24
CA LEU B 156 21.93 -9.78 -0.66
C LEU B 156 20.65 -9.68 -1.49
N LEU B 157 20.28 -8.46 -1.89
CA LEU B 157 19.11 -8.31 -2.75
C LEU B 157 19.38 -8.92 -4.12
N ALA B 158 20.62 -8.84 -4.59
CA ALA B 158 20.96 -9.37 -5.90
C ALA B 158 20.75 -10.86 -5.93
N VAL B 159 21.15 -11.55 -4.85
CA VAL B 159 20.95 -12.97 -4.77
C VAL B 159 19.47 -13.32 -4.82
N VAL B 160 18.66 -12.56 -4.09
CA VAL B 160 17.24 -12.83 -4.07
C VAL B 160 16.60 -12.57 -5.42
N ASP B 161 16.94 -11.45 -6.08
CA ASP B 161 16.35 -11.15 -7.38
C ASP B 161 16.72 -12.22 -8.39
N TYR B 162 17.99 -12.63 -8.39
CA TYR B 162 18.41 -13.64 -9.34
C TYR B 162 17.67 -14.94 -9.09
N GLN B 163 17.56 -15.35 -7.82
CA GLN B 163 16.90 -16.59 -7.54
C GLN B 163 15.45 -16.59 -7.99
N ILE B 164 14.75 -15.46 -7.80
CA ILE B 164 13.36 -15.39 -8.23
C ILE B 164 13.29 -15.58 -9.72
N ILE B 165 14.15 -14.90 -10.47
CA ILE B 165 14.12 -15.01 -11.92
C ILE B 165 14.40 -16.40 -12.38
N THR B 166 15.39 -17.05 -11.77
CA THR B 166 15.80 -18.39 -12.15
C THR B 166 14.63 -19.36 -11.95
N ARG B 167 13.96 -19.23 -10.81
CA ARG B 167 12.84 -20.09 -10.45
C ARG B 167 11.63 -19.84 -11.32
N CYS B 168 11.35 -18.57 -11.63
CA CYS B 168 10.22 -18.23 -12.47
C CYS B 168 10.40 -18.90 -13.80
N ILE B 169 11.59 -18.75 -14.39
CA ILE B 169 11.83 -19.29 -15.72
C ILE B 169 11.69 -20.79 -15.76
N SER B 170 12.24 -21.48 -14.77
CA SER B 170 12.13 -22.92 -14.78
C SER B 170 10.66 -23.32 -14.81
N SER B 171 9.86 -22.69 -13.96
CA SER B 171 8.44 -23.03 -13.89
C SER B 171 7.74 -22.77 -15.22
N ILE B 172 8.03 -21.63 -15.84
CA ILE B 172 7.41 -21.27 -17.09
C ILE B 172 7.77 -22.27 -18.16
N TYR B 173 9.04 -22.61 -18.29
CA TYR B 173 9.42 -23.54 -19.32
C TYR B 173 8.74 -24.86 -19.06
N THR B 174 8.81 -25.35 -17.83
CA THR B 174 8.29 -26.67 -17.49
C THR B 174 6.86 -26.86 -17.96
N ASN B 175 6.01 -25.86 -17.72
CA ASN B 175 4.61 -25.96 -18.09
C ASN B 175 4.21 -25.00 -19.22
N GLN B 176 5.16 -24.52 -20.02
CA GLN B 176 4.88 -23.50 -21.04
C GLN B 176 3.76 -23.86 -22.01
N LYS B 177 3.63 -25.14 -22.35
CA LYS B 177 2.61 -25.55 -23.31
C LYS B 177 1.23 -25.76 -22.69
N SER B 178 1.17 -25.81 -21.35
CA SER B 178 -0.07 -26.04 -20.63
C SER B 178 -0.65 -24.71 -20.15
N ASP B 179 0.24 -23.82 -19.71
CA ASP B 179 -0.13 -22.50 -19.22
C ASP B 179 -0.26 -21.53 -20.38
N ILE B 180 -1.22 -21.81 -21.25
CA ILE B 180 -1.32 -21.06 -22.49
C ILE B 180 -1.60 -19.55 -22.26
N GLU B 181 -2.26 -19.21 -21.16
CA GLU B 181 -2.46 -17.81 -20.77
C GLU B 181 -1.59 -17.45 -19.57
N SER B 182 -1.33 -18.45 -18.74
CA SER B 182 -0.71 -18.23 -17.45
C SER B 182 0.77 -17.97 -17.64
N THR B 183 1.31 -18.37 -18.79
CA THR B 183 2.65 -17.99 -19.13
C THR B 183 2.79 -16.49 -19.05
N SER B 184 1.79 -15.75 -19.52
CA SER B 184 1.89 -14.31 -19.49
C SER B 184 1.93 -13.88 -18.04
N LEU B 185 1.10 -14.48 -17.19
CA LEU B 185 1.18 -14.08 -15.78
C LEU B 185 2.59 -14.18 -15.24
N TYR B 186 3.23 -15.31 -15.46
CA TYR B 186 4.53 -15.57 -14.89
C TYR B 186 5.65 -14.87 -15.65
N LEU B 187 5.47 -14.67 -16.93
CA LEU B 187 6.45 -14.01 -17.78
C LEU B 187 6.46 -12.52 -17.50
N ILE B 188 5.29 -11.96 -17.18
CA ILE B 188 5.20 -10.58 -16.72
C ILE B 188 5.97 -10.50 -15.41
N GLN B 189 5.75 -11.45 -14.51
CA GLN B 189 6.52 -11.45 -13.27
C GLN B 189 8.02 -11.50 -13.56
N VAL B 190 8.46 -12.29 -14.54
CA VAL B 190 9.89 -12.27 -14.84
C VAL B 190 10.30 -10.86 -15.21
N MET B 191 9.57 -10.19 -16.09
CA MET B 191 9.90 -8.83 -16.47
C MET B 191 10.00 -7.88 -15.30
N GLU B 192 9.01 -7.92 -14.42
CA GLU B 192 8.99 -7.00 -13.30
C GLU B 192 10.15 -7.28 -12.34
N PHE B 193 10.44 -8.55 -12.09
CA PHE B 193 11.56 -8.87 -11.22
C PHE B 193 12.88 -8.59 -11.93
N THR B 194 12.90 -8.71 -13.26
CA THR B 194 14.10 -8.42 -14.02
C THR B 194 14.37 -6.94 -13.89
N MET B 195 13.34 -6.11 -14.01
CA MET B 195 13.47 -4.68 -13.88
C MET B 195 14.15 -4.33 -12.56
N LEU B 196 13.75 -5.01 -11.48
CA LEU B 196 14.45 -4.82 -10.20
C LEU B 196 15.92 -5.21 -10.28
N LEU B 197 16.21 -6.35 -10.89
CA LEU B 197 17.59 -6.81 -11.03
C LEU B 197 18.43 -5.79 -11.83
N ILE B 198 17.81 -5.17 -12.84
CA ILE B 198 18.45 -4.14 -13.66
C ILE B 198 18.72 -2.88 -12.85
N ASP B 199 17.75 -2.42 -12.07
CA ASP B 199 17.97 -1.25 -11.23
C ASP B 199 19.05 -1.51 -10.21
N LEU B 200 19.11 -2.74 -9.73
CA LEU B 200 20.11 -3.06 -8.76
C LEU B 200 21.47 -3.03 -9.47
N LEU B 201 21.54 -3.58 -10.69
CA LEU B 201 22.78 -3.51 -11.47
C LEU B 201 23.25 -2.08 -11.64
N ASN B 202 22.33 -1.16 -11.89
CA ASN B 202 22.71 0.23 -11.95
C ASN B 202 23.37 0.64 -10.64
N LEU B 203 22.74 0.37 -9.51
CA LEU B 203 23.33 0.81 -8.24
C LEU B 203 24.70 0.17 -8.04
N PHE B 204 24.85 -1.05 -8.48
CA PHE B 204 26.14 -1.71 -8.40
C PHE B 204 27.13 -0.88 -9.19
N LEU B 205 26.81 -0.60 -10.44
CA LEU B 205 27.76 0.07 -11.29
C LEU B 205 28.09 1.47 -10.78
N GLN B 206 27.10 2.15 -10.23
CA GLN B 206 27.31 3.48 -9.70
C GLN B 206 28.25 3.39 -8.49
N THR B 207 28.08 2.34 -7.69
CA THR B 207 28.87 2.11 -6.49
C THR B 207 30.30 1.89 -6.89
N CYS B 208 30.46 1.12 -7.95
CA CYS B 208 31.76 0.80 -8.46
C CYS B 208 32.46 2.07 -8.91
N LEU B 209 31.76 2.94 -9.63
CA LEU B 209 32.33 4.20 -10.07
C LEU B 209 32.64 5.14 -8.89
N ASN B 210 31.82 5.07 -7.86
CA ASN B 210 32.06 5.85 -6.66
C ASN B 210 33.31 5.35 -5.92
N PHE B 211 33.47 4.05 -5.86
CA PHE B 211 34.64 3.44 -5.23
C PHE B 211 35.87 3.76 -6.07
N TRP B 212 35.71 3.76 -7.38
CA TRP B 212 36.75 4.10 -8.34
C TRP B 212 37.27 5.51 -8.09
N GLU B 213 36.36 6.48 -7.90
CA GLU B 213 36.81 7.83 -7.57
C GLU B 213 37.57 7.85 -6.26
N PHE B 214 37.08 7.12 -5.25
CA PHE B 214 37.77 7.05 -4.00
C PHE B 214 39.17 6.56 -4.22
N TYR B 215 39.29 5.45 -4.94
CA TYR B 215 40.57 4.86 -5.19
C TYR B 215 41.51 5.87 -5.78
N ARG B 216 41.09 6.58 -6.81
CA ARG B 216 42.02 7.48 -7.46
C ARG B 216 42.52 8.54 -6.48
N SER B 217 41.64 9.02 -5.60
CA SER B 217 42.05 9.96 -4.59
C SER B 217 43.06 9.34 -3.62
N GLN B 218 42.78 8.11 -3.19
CA GLN B 218 43.63 7.37 -2.27
C GLN B 218 44.99 7.04 -2.90
N GLN B 219 44.97 6.78 -4.21
CA GLN B 219 46.13 6.48 -5.03
C GLN B 219 47.07 7.67 -5.11
N SER B 220 46.51 8.85 -5.34
CA SER B 220 47.27 10.10 -5.40
C SER B 220 48.63 10.01 -4.70
N GLY B 266 36.24 13.88 -14.75
CA GLY B 266 35.47 13.50 -15.93
C GLY B 266 34.38 12.53 -15.52
N LYS B 267 34.41 12.19 -14.23
CA LYS B 267 33.51 11.23 -13.60
C LYS B 267 32.09 11.45 -14.03
N PHE B 268 31.67 12.69 -14.08
CA PHE B 268 30.29 13.01 -14.42
C PHE B 268 29.82 12.29 -15.68
N MET B 269 30.68 12.21 -16.69
CA MET B 269 30.29 11.59 -17.92
C MET B 269 30.29 10.08 -17.79
N TYR B 270 31.13 9.57 -16.91
CA TYR B 270 31.14 8.12 -16.65
C TYR B 270 29.79 7.76 -16.01
N GLU B 271 29.32 8.63 -15.11
CA GLU B 271 28.06 8.42 -14.41
C GLU B 271 26.92 8.38 -15.41
N LYS B 272 26.97 9.28 -16.39
CA LYS B 272 25.94 9.29 -17.39
C LYS B 272 26.01 8.05 -18.25
N ALA B 273 27.20 7.60 -18.63
CA ALA B 273 27.28 6.40 -19.45
C ALA B 273 26.60 5.22 -18.76
N ILE B 274 26.77 5.09 -17.43
CA ILE B 274 26.10 4.02 -16.72
C ILE B 274 24.59 4.18 -16.79
N ASP B 275 24.10 5.38 -16.49
CA ASP B 275 22.67 5.64 -16.44
C ASP B 275 22.01 5.50 -17.82
N VAL B 276 22.73 5.84 -18.87
CA VAL B 276 22.26 5.72 -20.23
C VAL B 276 22.17 4.25 -20.63
N PHE B 277 23.21 3.48 -20.31
CA PHE B 277 23.15 2.06 -20.61
C PHE B 277 21.99 1.43 -19.90
N THR B 278 21.86 1.72 -18.60
CA THR B 278 20.80 1.16 -17.80
C THR B 278 19.44 1.37 -18.45
N ARG B 279 19.17 2.61 -18.89
CA ARG B 279 17.92 2.89 -19.56
C ARG B 279 17.77 2.03 -20.81
N PHE B 280 18.83 1.91 -21.61
CA PHE B 280 18.76 1.06 -22.79
C PHE B 280 18.39 -0.36 -22.47
N LEU B 281 19.07 -0.93 -21.49
CA LEU B 281 18.87 -2.32 -21.16
C LEU B 281 17.42 -2.56 -20.73
N LYS B 282 16.91 -1.68 -19.87
CA LYS B 282 15.56 -1.79 -19.40
C LYS B 282 14.57 -1.63 -20.56
N THR B 283 14.86 -0.70 -21.48
CA THR B 283 14.00 -0.46 -22.61
C THR B 283 13.92 -1.71 -23.47
N ALA B 284 15.07 -2.34 -23.71
CA ALA B 284 15.12 -3.55 -24.52
C ALA B 284 14.26 -4.65 -23.91
N LEU B 285 14.32 -4.80 -22.59
CA LEU B 285 13.48 -5.77 -21.90
C LEU B 285 12.01 -5.55 -22.15
N HIS B 286 11.55 -4.33 -21.92
CA HIS B 286 10.10 -4.10 -22.01
C HIS B 286 9.62 -4.17 -23.44
N LEU B 287 10.49 -3.84 -24.38
CA LEU B 287 10.13 -3.93 -25.79
C LEU B 287 9.97 -5.39 -26.24
N SER B 288 10.89 -6.27 -25.82
CA SER B 288 10.84 -7.69 -26.15
C SER B 288 9.64 -8.38 -25.50
N MET B 289 9.22 -7.86 -24.36
CA MET B 289 8.03 -8.33 -23.68
C MET B 289 6.74 -8.14 -24.48
N LEU B 290 6.72 -7.29 -25.52
CA LEU B 290 5.50 -7.10 -26.32
C LEU B 290 5.29 -8.21 -27.36
N ILE B 291 6.24 -9.13 -27.50
CA ILE B 291 6.13 -10.21 -28.46
C ILE B 291 4.94 -11.19 -28.27
N PRO B 292 4.64 -11.71 -27.06
CA PRO B 292 3.55 -12.63 -26.76
C PRO B 292 2.19 -11.99 -27.05
N PHE B 293 1.22 -12.82 -27.39
CA PHE B 293 -0.14 -12.40 -27.71
C PHE B 293 -0.95 -11.75 -26.57
N ARG B 294 -0.64 -12.08 -25.32
CA ARG B 294 -1.50 -11.66 -24.24
C ARG B 294 -1.28 -10.24 -23.74
N MET B 295 -2.24 -9.40 -24.05
CA MET B 295 -2.31 -8.00 -23.64
C MET B 295 -1.03 -7.18 -23.78
N PRO B 296 -0.45 -7.07 -25.00
CA PRO B 296 0.72 -6.25 -25.28
C PRO B 296 0.41 -4.80 -24.95
N MET B 297 -0.87 -4.42 -25.07
CA MET B 297 -1.33 -3.08 -24.75
C MET B 297 -1.20 -2.74 -23.27
N MET B 298 -1.26 -3.75 -22.38
CA MET B 298 -1.13 -3.43 -20.98
C MET B 298 0.34 -3.26 -20.65
N LEU B 299 1.19 -4.09 -21.26
CA LEU B 299 2.65 -4.02 -21.07
C LEU B 299 3.17 -2.70 -21.57
N LEU B 300 2.53 -2.23 -22.63
CA LEU B 300 2.87 -1.00 -23.30
C LEU B 300 2.98 0.16 -22.33
N LYS B 301 2.21 0.19 -21.23
CA LYS B 301 2.38 1.37 -20.37
C LYS B 301 3.83 1.51 -19.88
N ASP B 302 4.54 0.40 -19.68
CA ASP B 302 5.89 0.47 -19.17
C ASP B 302 6.86 0.67 -20.28
N VAL B 303 6.50 0.18 -21.45
CA VAL B 303 7.33 0.37 -22.64
C VAL B 303 7.40 1.86 -22.90
N VAL B 304 6.26 2.51 -22.77
CA VAL B 304 6.13 3.93 -22.99
C VAL B 304 6.88 4.70 -21.94
N TRP B 305 6.81 4.28 -20.67
CA TRP B 305 7.62 4.96 -19.69
C TRP B 305 9.09 4.84 -20.09
N ASP B 306 9.55 3.66 -20.50
CA ASP B 306 10.95 3.52 -20.88
C ASP B 306 11.28 4.43 -22.03
N ILE B 307 10.36 4.62 -22.96
CA ILE B 307 10.60 5.57 -24.03
C ILE B 307 10.82 6.96 -23.42
N LEU B 308 10.01 7.36 -22.44
CA LEU B 308 10.29 8.65 -21.82
C LEU B 308 11.73 8.66 -21.31
N ALA B 309 12.15 7.58 -20.66
CA ALA B 309 13.52 7.50 -20.17
C ALA B 309 14.49 7.60 -21.36
N LEU B 310 14.13 7.03 -22.49
CA LEU B 310 14.98 7.06 -23.68
C LEU B 310 15.22 8.51 -24.11
N TYR B 311 14.25 9.39 -23.88
CA TYR B 311 14.43 10.81 -24.13
C TYR B 311 15.51 11.34 -23.19
N GLN B 312 15.43 10.96 -21.92
CA GLN B 312 16.43 11.39 -20.93
C GLN B 312 17.82 10.89 -21.35
N SER B 313 17.85 9.68 -21.94
CA SER B 313 19.10 9.14 -22.45
C SER B 313 19.57 10.02 -23.59
N GLY B 314 18.66 10.41 -24.48
CA GLY B 314 18.98 11.30 -25.60
C GLY B 314 19.69 12.56 -25.12
N THR B 315 19.20 13.16 -24.05
CA THR B 315 19.85 14.35 -23.49
C THR B 315 21.28 14.06 -23.02
N SER B 316 21.46 12.97 -22.29
CA SER B 316 22.78 12.58 -21.80
C SER B 316 23.71 12.25 -22.97
N LEU B 317 23.15 11.61 -23.99
CA LEU B 317 23.87 11.24 -25.18
C LEU B 317 24.34 12.47 -25.89
N TRP B 318 23.50 13.49 -26.00
CA TRP B 318 23.94 14.72 -26.63
C TRP B 318 25.19 15.24 -25.96
N LYS B 319 25.23 15.25 -24.62
CA LYS B 319 26.41 15.72 -23.94
C LYS B 319 27.63 14.87 -24.34
N ILE B 320 27.45 13.56 -24.38
CA ILE B 320 28.53 12.66 -24.77
C ILE B 320 29.02 12.92 -26.18
N TRP B 321 28.10 13.03 -27.12
CA TRP B 321 28.43 13.19 -28.51
C TRP B 321 29.17 14.49 -28.75
N ARG B 322 28.74 15.53 -28.06
CA ARG B 322 29.33 16.85 -28.12
C ARG B 322 30.76 16.84 -27.61
N ASN B 323 30.98 16.18 -26.47
CA ASN B 323 32.32 16.06 -25.89
C ASN B 323 33.24 15.37 -26.88
N ASN B 324 32.68 14.39 -27.60
CA ASN B 324 33.30 13.60 -28.67
C ASN B 324 33.96 12.36 -28.11
#